data_4EN0
#
_entry.id   4EN0
#
_cell.length_a   94.699
_cell.length_b   99.981
_cell.length_c   124.382
_cell.angle_alpha   90.00
_cell.angle_beta   90.00
_cell.angle_gamma   90.00
#
_symmetry.space_group_name_H-M   'I 21 21 21'
#
loop_
_entity.id
_entity.type
_entity.pdbx_description
1 polymer 'Tumor necrosis factor ligand superfamily member 14'
2 non-polymer 'PHOSPHATE ION'
3 non-polymer GLYCEROL
4 non-polymer 2-acetamido-2-deoxy-beta-D-glucopyranose
5 water water
#
_entity_poly.entity_id   1
_entity_poly.type   'polypeptide(L)'
_entity_poly.pdbx_seq_one_letter_code
;RSHHHHHHGLIQERRSHEVNPAAHLTGANSSLTGSGGPLLWETQLGLAFLRGLSYHDGALVVTKAGYYYIYSKVQLGGVG
CPLGLASTITHGLYKRTPRYPEELELLVSQQSPCGRATSSSRVWWDSSFLGGVVHLEAGEEVVVRVLDERLVRLRDGTRS
YFGAFMV
;
_entity_poly.pdbx_strand_id   A,B,C
#
loop_
_chem_comp.id
_chem_comp.type
_chem_comp.name
_chem_comp.formula
GOL non-polymer GLYCEROL 'C3 H8 O3'
NAG D-saccharide, beta linking 2-acetamido-2-deoxy-beta-D-glucopyranose 'C8 H15 N O6'
PO4 non-polymer 'PHOSPHATE ION' 'O4 P -3'
#
# COMPACT_ATOMS: atom_id res chain seq x y z
N ASN A 20 -9.78 2.55 19.29
CA ASN A 20 -9.27 1.61 20.28
C ASN A 20 -8.95 0.21 19.71
N PRO A 21 -9.93 -0.45 19.07
CA PRO A 21 -9.60 -1.82 18.63
C PRO A 21 -8.70 -1.86 17.40
N ALA A 22 -7.82 -2.85 17.37
CA ALA A 22 -6.88 -3.03 16.28
C ALA A 22 -6.37 -4.47 16.26
N ALA A 23 -5.66 -4.83 15.20
CA ALA A 23 -5.09 -6.17 15.07
C ALA A 23 -4.05 -6.20 13.96
N HIS A 24 -3.10 -7.11 14.06
CA HIS A 24 -2.16 -7.37 12.97
C HIS A 24 -1.77 -8.83 12.98
N LEU A 25 -2.04 -9.52 11.87
CA LEU A 25 -1.81 -10.95 11.80
C LEU A 25 -0.77 -11.29 10.75
N THR A 26 -0.02 -12.37 10.99
CA THR A 26 0.87 -12.91 9.97
C THR A 26 0.73 -14.42 9.98
N GLY A 27 1.38 -15.11 9.05
CA GLY A 27 1.32 -16.56 9.02
C GLY A 27 0.95 -17.15 7.67
N ALA A 28 -0.13 -16.64 7.09
CA ALA A 28 -0.53 -17.01 5.73
C ALA A 28 -0.53 -18.51 5.46
N ASN A 29 -1.30 -19.28 6.23
CA ASN A 29 -1.46 -20.69 5.94
C ASN A 29 -2.28 -20.81 4.66
N SER A 30 -1.68 -21.35 3.60
CA SER A 30 -2.33 -21.36 2.30
C SER A 30 -3.05 -22.68 2.01
N SER A 31 -3.30 -23.46 3.05
CA SER A 31 -3.86 -24.79 2.90
C SER A 31 -5.30 -24.81 2.39
N LEU A 32 -6.02 -23.71 2.57
CA LEU A 32 -7.44 -23.66 2.22
C LEU A 32 -7.70 -23.14 0.81
N THR A 33 -6.79 -22.30 0.31
CA THR A 33 -6.97 -21.62 -0.98
C THR A 33 -7.34 -22.54 -2.14
N GLY A 34 -6.74 -23.73 -2.18
CA GLY A 34 -7.03 -24.70 -3.23
C GLY A 34 -8.48 -25.10 -3.27
N SER A 35 -9.06 -25.34 -2.10
CA SER A 35 -10.47 -25.72 -2.00
C SER A 35 -11.37 -24.52 -1.70
N GLY A 36 -11.01 -23.36 -2.25
CA GLY A 36 -11.84 -22.18 -2.16
C GLY A 36 -11.94 -21.55 -0.79
N GLY A 37 -10.98 -21.86 0.08
CA GLY A 37 -10.97 -21.28 1.41
C GLY A 37 -10.11 -20.03 1.47
N PRO A 38 -10.29 -19.22 2.52
CA PRO A 38 -9.46 -18.02 2.71
C PRO A 38 -8.13 -18.38 3.35
N LEU A 39 -7.22 -17.42 3.41
CA LEU A 39 -5.94 -17.63 4.07
C LEU A 39 -6.15 -17.73 5.59
N LEU A 40 -5.25 -18.43 6.26
CA LEU A 40 -5.27 -18.52 7.71
C LEU A 40 -4.09 -17.75 8.27
N TRP A 41 -4.25 -17.22 9.49
CA TRP A 41 -3.24 -16.34 10.05
C TRP A 41 -2.94 -16.64 11.51
N GLU A 42 -1.67 -16.51 11.89
CA GLU A 42 -1.27 -16.60 13.29
C GLU A 42 -1.76 -15.35 14.00
N THR A 43 -2.22 -15.52 15.23
CA THR A 43 -2.75 -14.41 16.01
C THR A 43 -1.95 -14.21 17.30
N GLN A 44 -1.00 -15.11 17.54
CA GLN A 44 -0.26 -15.14 18.80
C GLN A 44 1.20 -14.73 18.64
N LEU A 45 1.94 -15.55 17.88
CA LEU A 45 3.40 -15.47 17.83
C LEU A 45 3.95 -14.18 17.22
N GLY A 46 4.91 -13.58 17.92
CA GLY A 46 5.64 -12.43 17.43
C GLY A 46 4.83 -11.16 17.31
N LEU A 47 4.88 -10.56 16.12
CA LEU A 47 4.23 -9.28 15.87
C LEU A 47 2.72 -9.46 15.70
N ALA A 48 2.29 -10.71 15.56
CA ALA A 48 0.88 -11.03 15.46
C ALA A 48 0.16 -10.75 16.78
N PHE A 49 -0.96 -10.03 16.70
CA PHE A 49 -1.71 -9.65 17.89
C PHE A 49 -3.16 -9.30 17.57
N LEU A 50 -4.02 -9.55 18.55
CA LEU A 50 -5.41 -9.11 18.52
C LEU A 50 -5.68 -8.19 19.70
N ARG A 51 -6.32 -7.05 19.44
CA ARG A 51 -6.68 -6.12 20.51
C ARG A 51 -8.00 -5.42 20.19
N GLY A 52 -9.08 -5.89 20.81
CA GLY A 52 -10.39 -5.33 20.57
C GLY A 52 -11.04 -5.94 19.33
N LEU A 53 -10.38 -6.93 18.76
CA LEU A 53 -10.91 -7.68 17.63
C LEU A 53 -10.79 -9.17 17.86
N SER A 54 -11.60 -9.96 17.14
CA SER A 54 -11.56 -11.40 17.28
C SER A 54 -11.05 -12.08 16.01
N TYR A 55 -10.95 -13.40 16.04
CA TYR A 55 -10.46 -14.17 14.90
C TYR A 55 -11.11 -15.54 14.86
N HIS A 56 -11.55 -15.94 13.67
CA HIS A 56 -12.20 -17.24 13.51
C HIS A 56 -12.00 -17.79 12.10
N ASP A 57 -11.31 -18.93 12.01
CA ASP A 57 -11.08 -19.63 10.74
C ASP A 57 -10.55 -18.74 9.60
N GLY A 58 -9.53 -17.95 9.89
CA GLY A 58 -8.90 -17.12 8.88
C GLY A 58 -9.51 -15.74 8.77
N ALA A 59 -10.58 -15.50 9.52
CA ALA A 59 -11.31 -14.23 9.42
C ALA A 59 -11.09 -13.34 10.63
N LEU A 60 -10.85 -12.05 10.37
CA LEU A 60 -10.86 -11.05 11.42
C LEU A 60 -12.31 -10.71 11.76
N VAL A 61 -12.76 -11.12 12.94
CA VAL A 61 -14.13 -10.90 13.36
C VAL A 61 -14.27 -9.58 14.12
N VAL A 62 -15.20 -8.74 13.67
CA VAL A 62 -15.42 -7.43 14.26
C VAL A 62 -16.31 -7.51 15.50
N THR A 63 -15.81 -6.98 16.61
CA THR A 63 -16.55 -6.94 17.86
C THR A 63 -17.24 -5.59 18.03
N LYS A 64 -16.49 -4.51 17.81
CA LYS A 64 -17.04 -3.16 17.90
C LYS A 64 -17.34 -2.58 16.52
N ALA A 65 -18.60 -2.23 16.31
CA ALA A 65 -19.04 -1.71 15.02
C ALA A 65 -18.45 -0.33 14.73
N GLY A 66 -18.16 -0.08 13.45
CA GLY A 66 -17.62 1.21 13.06
C GLY A 66 -16.70 1.15 11.85
N TYR A 67 -16.02 2.26 11.59
CA TYR A 67 -15.12 2.35 10.45
C TYR A 67 -13.73 1.83 10.78
N TYR A 68 -13.29 0.85 10.01
CA TYR A 68 -11.96 0.25 10.19
C TYR A 68 -11.10 0.48 8.96
N TYR A 69 -9.85 0.88 9.18
CA TYR A 69 -8.86 0.84 8.11
C TYR A 69 -8.32 -0.58 8.09
N ILE A 70 -8.72 -1.33 7.07
CA ILE A 70 -8.22 -2.69 6.89
C ILE A 70 -7.06 -2.68 5.92
N TYR A 71 -6.12 -3.60 6.13
CA TYR A 71 -4.95 -3.70 5.28
C TYR A 71 -4.45 -5.14 5.21
N SER A 72 -3.83 -5.46 4.08
CA SER A 72 -3.18 -6.75 3.90
C SER A 72 -2.05 -6.59 2.92
N LYS A 73 -0.92 -7.23 3.22
CA LYS A 73 0.19 -7.28 2.28
C LYS A 73 0.46 -8.75 2.02
N VAL A 74 0.66 -9.11 0.77
CA VAL A 74 0.96 -10.49 0.44
C VAL A 74 2.23 -10.58 -0.40
N GLN A 75 3.20 -11.30 0.15
CA GLN A 75 4.43 -11.60 -0.57
C GLN A 75 4.12 -12.71 -1.57
N LEU A 76 4.48 -12.48 -2.82
CA LEU A 76 4.08 -13.36 -3.91
C LEU A 76 5.29 -13.87 -4.68
N GLY A 77 5.21 -15.13 -5.08
CA GLY A 77 6.27 -15.75 -5.84
C GLY A 77 5.75 -16.43 -7.09
N GLY A 78 6.64 -16.64 -8.05
CA GLY A 78 6.30 -17.33 -9.28
C GLY A 78 7.48 -18.11 -9.79
N VAL A 79 7.22 -19.28 -10.36
CA VAL A 79 8.30 -20.13 -10.85
C VAL A 79 8.54 -19.89 -12.33
N GLY A 80 7.55 -19.32 -12.99
CA GLY A 80 7.64 -18.98 -14.40
C GLY A 80 6.60 -17.94 -14.75
N CYS A 81 6.75 -17.28 -15.90
CA CYS A 81 5.86 -16.18 -16.24
C CYS A 81 5.46 -16.16 -17.73
N PRO A 82 4.88 -17.27 -18.22
CA PRO A 82 4.52 -17.27 -19.63
C PRO A 82 3.01 -17.05 -19.80
N LEU A 83 2.55 -16.78 -21.00
CA LEU A 83 1.12 -16.53 -21.20
C LEU A 83 0.64 -17.11 -22.53
N GLY A 84 0.53 -18.43 -22.58
CA GLY A 84 -0.17 -19.08 -23.66
C GLY A 84 -1.61 -18.66 -23.52
N LEU A 85 -2.09 -18.72 -22.28
CA LEU A 85 -3.33 -18.08 -21.90
C LEU A 85 -2.95 -16.86 -21.07
N ALA A 86 -3.04 -16.98 -19.75
CA ALA A 86 -2.63 -15.90 -18.87
C ALA A 86 -2.33 -16.38 -17.45
N SER A 87 -1.27 -15.83 -16.86
CA SER A 87 -0.95 -16.09 -15.47
C SER A 87 -0.84 -14.77 -14.69
N THR A 88 -1.79 -14.56 -13.79
CA THR A 88 -1.83 -13.35 -12.98
C THR A 88 -2.42 -13.68 -11.61
N ILE A 89 -2.05 -12.91 -10.59
CA ILE A 89 -2.50 -13.21 -9.23
C ILE A 89 -3.53 -12.19 -8.74
N THR A 90 -4.53 -12.66 -8.01
CA THR A 90 -5.57 -11.76 -7.51
C THR A 90 -5.61 -11.69 -5.98
N HIS A 91 -5.03 -10.64 -5.43
CA HIS A 91 -5.04 -10.43 -3.98
C HIS A 91 -6.31 -9.69 -3.58
N GLY A 92 -6.95 -10.10 -2.50
CA GLY A 92 -8.22 -9.51 -2.13
C GLY A 92 -8.62 -9.51 -0.67
N LEU A 93 -9.24 -8.41 -0.25
CA LEU A 93 -9.85 -8.27 1.06
C LEU A 93 -11.36 -8.29 0.88
N TYR A 94 -12.00 -9.25 1.54
CA TYR A 94 -13.43 -9.52 1.37
C TYR A 94 -14.19 -9.44 2.68
N LYS A 95 -15.49 -9.10 2.60
CA LYS A 95 -16.34 -9.02 3.78
C LYS A 95 -17.37 -10.14 3.82
N ARG A 96 -17.46 -10.80 4.97
CA ARG A 96 -18.49 -11.80 5.22
C ARG A 96 -19.55 -11.25 6.17
N THR A 97 -20.80 -11.30 5.76
CA THR A 97 -21.91 -11.05 6.66
C THR A 97 -22.55 -12.41 6.95
N PRO A 98 -22.45 -12.87 8.20
CA PRO A 98 -22.76 -14.23 8.67
C PRO A 98 -24.02 -14.87 8.09
N ARG A 99 -25.07 -14.07 7.86
CA ARG A 99 -26.33 -14.60 7.34
C ARG A 99 -26.40 -14.57 5.83
N TYR A 100 -25.34 -14.09 5.19
CA TYR A 100 -25.31 -13.97 3.73
C TYR A 100 -24.21 -14.84 3.13
N PRO A 101 -24.54 -15.56 2.05
CA PRO A 101 -23.62 -16.50 1.40
C PRO A 101 -22.50 -15.80 0.63
N GLU A 102 -22.72 -14.53 0.32
CA GLU A 102 -21.82 -13.78 -0.55
C GLU A 102 -20.63 -13.15 0.17
N GLU A 103 -19.45 -13.32 -0.40
CA GLU A 103 -18.26 -12.61 0.06
C GLU A 103 -18.05 -11.36 -0.78
N LEU A 104 -18.38 -10.20 -0.22
CA LEU A 104 -18.24 -8.93 -0.91
C LEU A 104 -16.80 -8.52 -1.11
N GLU A 105 -16.43 -8.21 -2.34
CA GLU A 105 -15.13 -7.61 -2.63
C GLU A 105 -15.06 -6.26 -1.93
N LEU A 106 -14.07 -6.10 -1.07
CA LEU A 106 -13.83 -4.80 -0.45
C LEU A 106 -12.67 -4.13 -1.16
N LEU A 107 -11.49 -4.75 -1.08
CA LEU A 107 -10.31 -4.15 -1.69
C LEU A 107 -9.56 -5.19 -2.51
N VAL A 108 -9.53 -5.02 -3.83
CA VAL A 108 -8.95 -6.05 -4.69
C VAL A 108 -7.84 -5.51 -5.61
N SER A 109 -6.79 -6.31 -5.76
CA SER A 109 -5.69 -6.00 -6.66
C SER A 109 -5.42 -7.17 -7.61
N GLN A 110 -5.27 -6.86 -8.88
CA GLN A 110 -4.86 -7.83 -9.89
C GLN A 110 -3.42 -7.50 -10.25
N GLN A 111 -2.52 -8.46 -10.05
CA GLN A 111 -1.10 -8.13 -10.07
C GLN A 111 -0.19 -9.27 -10.53
N SER A 112 0.88 -8.88 -11.24
CA SER A 112 1.97 -9.76 -11.63
C SER A 112 3.03 -8.93 -12.35
N PRO A 113 4.31 -9.23 -12.09
CA PRO A 113 5.39 -8.56 -12.82
C PRO A 113 5.58 -9.19 -14.20
N CYS A 114 4.68 -10.10 -14.55
CA CYS A 114 4.73 -10.78 -15.84
C CYS A 114 4.50 -9.79 -16.98
N GLY A 115 4.01 -8.61 -16.64
CA GLY A 115 3.85 -7.53 -17.60
C GLY A 115 5.20 -7.07 -18.15
N ARG A 116 6.25 -7.25 -17.36
CA ARG A 116 7.59 -6.91 -17.82
C ARG A 116 8.48 -8.16 -17.95
N ALA A 117 7.88 -9.25 -18.42
CA ALA A 117 8.58 -10.53 -18.49
C ALA A 117 8.92 -10.96 -19.92
N THR A 118 9.73 -12.01 -20.03
CA THR A 118 10.10 -12.59 -21.32
C THR A 118 10.10 -14.11 -21.25
N ARG A 122 10.68 -17.17 -15.98
CA ARG A 122 11.70 -16.90 -14.98
C ARG A 122 11.10 -16.72 -13.59
N VAL A 123 11.80 -17.21 -12.58
CA VAL A 123 11.36 -17.07 -11.19
C VAL A 123 11.30 -15.60 -10.78
N TRP A 124 10.18 -15.21 -10.17
CA TRP A 124 9.98 -13.81 -9.81
C TRP A 124 9.39 -13.61 -8.41
N TRP A 125 9.56 -12.39 -7.90
CA TRP A 125 8.95 -11.97 -6.66
C TRP A 125 8.02 -10.79 -6.96
N ASP A 126 6.98 -10.64 -6.17
CA ASP A 126 6.14 -9.45 -6.25
C ASP A 126 5.49 -9.23 -4.89
N SER A 127 4.87 -8.08 -4.71
CA SER A 127 4.26 -7.75 -3.44
C SER A 127 2.94 -7.03 -3.66
N SER A 128 1.90 -7.44 -2.95
CA SER A 128 0.61 -6.79 -3.10
C SER A 128 0.17 -6.13 -1.80
N PHE A 129 0.05 -4.81 -1.81
CA PHE A 129 -0.51 -4.11 -0.66
C PHE A 129 -1.91 -3.59 -0.93
N LEU A 130 -2.81 -3.87 0.00
CA LEU A 130 -4.17 -3.37 -0.02
C LEU A 130 -4.44 -2.65 1.29
N GLY A 131 -5.03 -1.47 1.19
CA GLY A 131 -5.39 -0.71 2.39
C GLY A 131 -6.58 0.17 2.09
N GLY A 132 -7.54 0.21 3.01
CA GLY A 132 -8.72 1.03 2.80
C GLY A 132 -9.64 1.11 4.00
N VAL A 133 -10.37 2.21 4.08
CA VAL A 133 -11.34 2.41 5.16
C VAL A 133 -12.70 1.86 4.77
N VAL A 134 -13.16 0.86 5.50
CA VAL A 134 -14.46 0.25 5.24
C VAL A 134 -15.29 0.22 6.51
N HIS A 135 -16.61 0.27 6.36
CA HIS A 135 -17.49 0.18 7.52
C HIS A 135 -17.80 -1.28 7.83
N LEU A 136 -17.65 -1.66 9.09
CA LEU A 136 -17.90 -3.04 9.50
C LEU A 136 -18.86 -3.08 10.68
N GLU A 137 -19.70 -4.11 10.73
CA GLU A 137 -20.66 -4.27 11.82
C GLU A 137 -20.26 -5.41 12.74
N ALA A 138 -20.81 -5.39 13.96
CA ALA A 138 -20.53 -6.42 14.94
C ALA A 138 -21.01 -7.78 14.43
N GLY A 139 -20.07 -8.70 14.26
CA GLY A 139 -20.40 -10.02 13.76
C GLY A 139 -19.82 -10.25 12.37
N GLU A 140 -19.66 -9.17 11.61
CA GLU A 140 -19.11 -9.24 10.27
C GLU A 140 -17.63 -9.63 10.31
N GLU A 141 -17.18 -10.31 9.27
CA GLU A 141 -15.81 -10.79 9.21
C GLU A 141 -15.09 -10.23 7.98
N VAL A 142 -13.76 -10.25 8.02
CA VAL A 142 -12.97 -9.87 6.86
C VAL A 142 -11.94 -10.94 6.58
N VAL A 143 -11.84 -11.37 5.33
CA VAL A 143 -10.88 -12.40 4.95
C VAL A 143 -9.97 -11.96 3.83
N VAL A 144 -8.80 -12.59 3.76
CA VAL A 144 -7.87 -12.37 2.65
C VAL A 144 -7.87 -13.59 1.74
N ARG A 145 -8.06 -13.35 0.45
CA ARG A 145 -7.95 -14.42 -0.53
C ARG A 145 -6.91 -14.06 -1.57
N VAL A 146 -5.99 -14.97 -1.82
CA VAL A 146 -5.03 -14.80 -2.90
C VAL A 146 -5.30 -15.86 -3.97
N LEU A 147 -5.67 -15.39 -5.15
CA LEU A 147 -6.15 -16.26 -6.21
C LEU A 147 -5.08 -16.54 -7.28
N ASP A 148 -4.90 -17.83 -7.54
CA ASP A 148 -3.94 -18.35 -8.54
C ASP A 148 -2.48 -18.15 -8.15
N GLU A 149 -2.13 -18.56 -6.93
CA GLU A 149 -0.75 -18.52 -6.45
C GLU A 149 -0.06 -19.85 -6.75
N ARG A 150 1.13 -19.78 -7.33
CA ARG A 150 1.82 -20.98 -7.80
C ARG A 150 3.11 -21.29 -7.03
N LEU A 151 3.47 -20.41 -6.09
CA LEU A 151 4.67 -20.63 -5.28
C LEU A 151 4.56 -20.01 -3.90
N VAL A 152 4.76 -20.83 -2.87
CA VAL A 152 4.80 -20.35 -1.49
C VAL A 152 6.18 -20.61 -0.89
N ARG A 153 6.97 -19.56 -0.77
CA ARG A 153 8.28 -19.67 -0.12
C ARG A 153 8.10 -19.65 1.38
N LEU A 154 9.09 -20.18 2.10
CA LEU A 154 9.06 -20.25 3.56
C LEU A 154 8.86 -18.87 4.19
N ARG A 155 9.19 -17.83 3.44
CA ARG A 155 9.14 -16.47 3.91
C ARG A 155 7.76 -15.84 3.68
N ASP A 156 7.03 -16.40 2.72
CA ASP A 156 5.73 -15.85 2.31
C ASP A 156 4.75 -15.70 3.46
N GLY A 157 4.71 -16.69 4.34
CA GLY A 157 3.80 -16.67 5.47
C GLY A 157 4.04 -15.52 6.43
N THR A 158 5.31 -15.21 6.68
CA THR A 158 5.67 -14.16 7.63
C THR A 158 5.77 -12.79 6.98
N ARG A 159 6.19 -12.77 5.71
CA ARG A 159 6.23 -11.52 4.96
C ARG A 159 4.81 -11.02 4.72
N SER A 160 3.92 -11.94 4.40
CA SER A 160 2.51 -11.60 4.23
C SER A 160 1.89 -11.33 5.60
N TYR A 161 1.05 -10.31 5.65
CA TYR A 161 0.32 -9.97 6.86
C TYR A 161 -1.04 -9.39 6.53
N PHE A 162 -1.86 -9.24 7.56
CA PHE A 162 -3.25 -8.85 7.40
C PHE A 162 -3.77 -8.34 8.74
N GLY A 163 -4.05 -7.04 8.80
CA GLY A 163 -4.52 -6.44 10.03
C GLY A 163 -5.50 -5.31 9.77
N ALA A 164 -5.89 -4.62 10.82
CA ALA A 164 -6.83 -3.50 10.71
C ALA A 164 -6.81 -2.66 11.97
N PHE A 165 -7.37 -1.47 11.89
CA PHE A 165 -7.57 -0.66 13.10
C PHE A 165 -8.74 0.31 12.97
N MET A 166 -9.50 0.45 14.05
CA MET A 166 -10.69 1.29 14.03
C MET A 166 -10.35 2.76 13.88
N VAL A 167 -11.04 3.41 12.95
CA VAL A 167 -10.86 4.84 12.73
C VAL A 167 -12.14 5.55 13.13
N VAL B 19 -16.55 13.46 16.02
CA VAL B 19 -16.26 12.16 15.44
C VAL B 19 -15.18 12.24 14.36
N ASN B 20 -14.25 11.30 14.40
CA ASN B 20 -13.09 11.31 13.50
C ASN B 20 -13.47 11.27 12.01
N PRO B 21 -13.14 12.34 11.28
CA PRO B 21 -13.47 12.43 9.84
C PRO B 21 -12.77 11.35 9.02
N ALA B 22 -13.55 10.67 8.18
CA ALA B 22 -13.02 9.65 7.29
C ALA B 22 -13.79 9.65 5.98
N ALA B 23 -13.19 9.06 4.95
CA ALA B 23 -13.82 8.99 3.64
C ALA B 23 -13.23 7.87 2.81
N HIS B 24 -14.07 7.21 2.03
CA HIS B 24 -13.60 6.20 1.08
C HIS B 24 -14.36 6.33 -0.21
N LEU B 25 -13.65 6.68 -1.28
CA LEU B 25 -14.28 6.91 -2.57
C LEU B 25 -13.92 5.78 -3.53
N THR B 26 -14.92 5.28 -4.25
CA THR B 26 -14.70 4.15 -5.14
C THR B 26 -14.59 4.58 -6.60
N GLY B 27 -13.95 3.73 -7.40
CA GLY B 27 -13.74 4.02 -8.80
C GLY B 27 -15.03 4.13 -9.59
N ALA B 28 -15.12 5.17 -10.42
CA ALA B 28 -16.24 5.36 -11.32
C ALA B 28 -15.72 5.80 -12.68
N ASN B 29 -16.56 5.68 -13.70
CA ASN B 29 -16.18 6.05 -15.06
C ASN B 29 -15.77 7.51 -15.12
N SER B 30 -14.53 7.77 -15.51
CA SER B 30 -14.03 9.14 -15.57
C SER B 30 -14.32 9.78 -16.93
N SER B 31 -15.25 10.72 -16.94
CA SER B 31 -15.63 11.41 -18.16
C SER B 31 -14.95 12.76 -18.29
N SER B 35 -5.71 11.99 -19.13
CA SER B 35 -6.14 12.71 -20.32
C SER B 35 -7.28 13.68 -20.01
N GLY B 36 -8.12 13.31 -19.04
CA GLY B 36 -9.24 14.14 -18.65
C GLY B 36 -9.05 14.81 -17.30
N GLY B 37 -7.79 14.96 -16.89
CA GLY B 37 -7.46 15.61 -15.63
C GLY B 37 -7.36 14.63 -14.48
N PRO B 38 -7.83 15.03 -13.29
CA PRO B 38 -7.85 14.17 -12.10
C PRO B 38 -9.01 13.19 -12.13
N LEU B 39 -8.88 12.07 -11.44
CA LEU B 39 -9.90 11.03 -11.47
C LEU B 39 -11.16 11.43 -10.71
N LEU B 40 -12.31 10.98 -11.21
CA LEU B 40 -13.58 11.23 -10.54
C LEU B 40 -13.98 10.01 -9.74
N TRP B 41 -14.73 10.22 -8.66
CA TRP B 41 -15.00 9.14 -7.71
C TRP B 41 -16.46 9.07 -7.26
N GLU B 42 -16.88 7.86 -6.90
CA GLU B 42 -18.19 7.64 -6.30
C GLU B 42 -18.10 7.92 -4.79
N THR B 43 -19.12 8.57 -4.25
CA THR B 43 -19.09 8.99 -2.85
C THR B 43 -20.27 8.47 -2.01
N GLN B 44 -21.24 7.85 -2.65
CA GLN B 44 -22.43 7.38 -1.93
C GLN B 44 -22.73 5.89 -2.07
N LEU B 45 -22.61 5.38 -3.29
CA LEU B 45 -23.01 4.01 -3.58
C LEU B 45 -22.06 2.95 -3.00
N GLY B 46 -22.62 2.01 -2.25
CA GLY B 46 -21.89 0.86 -1.76
C GLY B 46 -20.78 1.18 -0.77
N LEU B 47 -19.55 0.84 -1.16
CA LEU B 47 -18.39 1.03 -0.30
C LEU B 47 -17.96 2.49 -0.21
N ALA B 48 -18.62 3.35 -0.96
CA ALA B 48 -18.29 4.77 -0.98
C ALA B 48 -19.01 5.54 0.13
N PHE B 49 -18.25 6.38 0.83
CA PHE B 49 -18.83 7.18 1.91
C PHE B 49 -17.99 8.44 2.22
N LEU B 50 -18.68 9.47 2.69
CA LEU B 50 -18.05 10.69 3.17
C LEU B 50 -18.54 11.00 4.58
N ARG B 51 -17.65 10.91 5.55
CA ARG B 51 -17.99 11.28 6.92
C ARG B 51 -17.10 12.41 7.44
N GLY B 52 -17.65 13.62 7.52
CA GLY B 52 -16.90 14.78 7.98
C GLY B 52 -16.07 15.39 6.88
N LEU B 53 -15.89 14.65 5.79
CA LEU B 53 -15.14 15.13 4.64
C LEU B 53 -16.07 15.42 3.46
N SER B 54 -15.73 16.44 2.68
CA SER B 54 -16.54 16.79 1.52
C SER B 54 -15.91 16.29 0.23
N TYR B 55 -16.55 16.59 -0.90
CA TYR B 55 -16.06 16.17 -2.21
C TYR B 55 -16.48 17.17 -3.26
N HIS B 56 -15.59 17.46 -4.20
CA HIS B 56 -15.90 18.39 -5.28
C HIS B 56 -15.06 18.13 -6.53
N ASP B 57 -15.71 17.57 -7.54
CA ASP B 57 -15.08 17.33 -8.85
C ASP B 57 -13.77 16.54 -8.77
N GLY B 58 -13.83 15.39 -8.10
CA GLY B 58 -12.67 14.52 -7.98
C GLY B 58 -11.88 14.75 -6.72
N ALA B 59 -12.04 15.95 -6.14
CA ALA B 59 -11.25 16.36 -4.99
C ALA B 59 -11.93 16.06 -3.66
N LEU B 60 -11.19 15.45 -2.74
CA LEU B 60 -11.63 15.37 -1.35
C LEU B 60 -11.43 16.74 -0.72
N VAL B 61 -12.44 17.22 0.00
CA VAL B 61 -12.37 18.55 0.60
C VAL B 61 -12.33 18.47 2.13
N VAL B 62 -11.28 19.07 2.70
CA VAL B 62 -11.08 19.06 4.14
C VAL B 62 -11.96 20.09 4.84
N THR B 63 -12.88 19.62 5.66
CA THR B 63 -13.75 20.50 6.43
C THR B 63 -13.12 20.88 7.76
N LYS B 64 -12.41 19.93 8.36
CA LYS B 64 -11.74 20.15 9.64
C LYS B 64 -10.24 20.00 9.50
N ALA B 65 -9.50 21.09 9.72
CA ALA B 65 -8.06 21.11 9.58
C ALA B 65 -7.37 20.14 10.55
N GLY B 66 -6.26 19.57 10.10
CA GLY B 66 -5.51 18.61 10.89
C GLY B 66 -4.65 17.71 10.03
N TYR B 67 -4.15 16.63 10.62
CA TYR B 67 -3.31 15.68 9.90
C TYR B 67 -4.13 14.48 9.43
N TYR B 68 -3.97 14.14 8.15
CA TYR B 68 -4.71 13.03 7.56
C TYR B 68 -3.80 11.98 6.95
N TYR B 69 -4.07 10.71 7.23
CA TYR B 69 -3.51 9.65 6.43
C TYR B 69 -4.37 9.55 5.18
N ILE B 70 -3.79 9.95 4.06
CA ILE B 70 -4.46 9.85 2.78
C ILE B 70 -3.94 8.65 2.02
N TYR B 71 -4.84 7.99 1.30
CA TYR B 71 -4.47 6.81 0.53
C TYR B 71 -5.23 6.73 -0.80
N SER B 72 -4.61 6.05 -1.75
CA SER B 72 -5.21 5.86 -3.07
C SER B 72 -4.63 4.62 -3.71
N LYS B 73 -5.49 3.77 -4.26
CA LYS B 73 -5.01 2.65 -5.04
C LYS B 73 -5.60 2.74 -6.44
N VAL B 74 -4.79 2.43 -7.44
CA VAL B 74 -5.29 2.37 -8.81
C VAL B 74 -4.90 1.04 -9.46
N GLN B 75 -5.88 0.41 -10.10
CA GLN B 75 -5.64 -0.81 -10.84
C GLN B 75 -5.25 -0.47 -12.28
N LEU B 76 -4.10 -0.98 -12.70
CA LEU B 76 -3.63 -0.76 -14.06
C LEU B 76 -3.65 -2.07 -14.83
N GLY B 77 -3.88 -1.98 -16.13
CA GLY B 77 -3.91 -3.16 -16.98
C GLY B 77 -3.82 -2.82 -18.46
N GLY B 78 -3.38 -3.78 -19.26
CA GLY B 78 -3.30 -3.55 -20.69
C GLY B 78 -2.94 -4.76 -21.53
N VAL B 79 -2.97 -4.57 -22.85
CA VAL B 79 -2.53 -5.58 -23.79
C VAL B 79 -1.32 -5.07 -24.56
N GLY B 80 -0.24 -5.86 -24.56
CA GLY B 80 1.02 -5.39 -25.09
C GLY B 80 1.54 -4.25 -24.23
N CYS B 81 2.14 -3.25 -24.85
CA CYS B 81 2.67 -2.10 -24.10
C CYS B 81 2.87 -0.87 -24.98
N PRO B 82 2.43 0.29 -24.49
CA PRO B 82 2.64 1.59 -25.15
C PRO B 82 4.09 2.04 -25.02
N LEU B 83 4.43 3.16 -25.66
CA LEU B 83 5.78 3.73 -25.58
C LEU B 83 6.88 2.72 -25.94
N SER B 87 6.64 2.06 -21.29
CA SER B 87 5.56 2.94 -20.87
C SER B 87 5.53 3.08 -19.35
N THR B 88 5.73 4.30 -18.87
CA THR B 88 5.78 4.57 -17.44
C THR B 88 4.52 5.28 -16.94
N ILE B 89 3.92 4.72 -15.90
CA ILE B 89 2.71 5.27 -15.31
C ILE B 89 3.04 6.05 -14.04
N THR B 90 2.55 7.27 -13.95
CA THR B 90 2.69 8.07 -12.75
C THR B 90 1.36 8.10 -11.99
N HIS B 91 1.39 7.68 -10.73
CA HIS B 91 0.21 7.70 -9.88
C HIS B 91 0.49 8.63 -8.70
N GLY B 92 -0.33 9.65 -8.51
CA GLY B 92 -0.03 10.63 -7.49
C GLY B 92 -1.20 11.26 -6.75
N LEU B 93 -1.01 11.47 -5.46
CA LEU B 93 -1.90 12.28 -4.65
C LEU B 93 -1.34 13.69 -4.58
N TYR B 94 -2.19 14.66 -4.92
CA TYR B 94 -1.79 16.07 -4.98
C TYR B 94 -2.71 16.92 -4.11
N LYS B 95 -2.22 18.08 -3.70
CA LYS B 95 -3.00 19.00 -2.87
C LYS B 95 -3.18 20.33 -3.59
N ARG B 96 -4.35 20.96 -3.41
CA ARG B 96 -4.58 22.28 -3.99
CA ARG B 96 -4.59 22.28 -4.00
C ARG B 96 -5.42 23.16 -3.07
N THR B 97 -5.07 24.45 -3.03
CA THR B 97 -5.87 25.43 -2.30
C THR B 97 -6.69 26.17 -3.33
N PRO B 98 -8.04 26.13 -3.18
CA PRO B 98 -8.99 26.70 -4.14
C PRO B 98 -8.70 28.14 -4.56
N ARG B 99 -7.83 28.83 -3.82
CA ARG B 99 -7.42 30.17 -4.18
C ARG B 99 -6.27 30.17 -5.18
N TYR B 100 -5.43 29.14 -5.13
CA TYR B 100 -4.26 29.05 -5.98
C TYR B 100 -4.36 27.92 -7.01
N PRO B 101 -3.90 28.19 -8.24
CA PRO B 101 -4.03 27.26 -9.38
C PRO B 101 -3.17 26.00 -9.27
N GLU B 102 -1.95 26.12 -8.76
CA GLU B 102 -1.01 25.00 -8.72
C GLU B 102 -1.44 23.88 -7.78
N GLU B 103 -1.20 22.65 -8.21
CA GLU B 103 -1.44 21.47 -7.38
C GLU B 103 -0.12 20.90 -6.89
N LEU B 104 0.09 20.93 -5.58
CA LEU B 104 1.35 20.49 -4.99
C LEU B 104 1.39 18.97 -4.85
N GLU B 105 2.53 18.38 -5.22
CA GLU B 105 2.73 16.95 -5.06
C GLU B 105 2.66 16.57 -3.59
N LEU B 106 1.98 15.46 -3.30
CA LEU B 106 1.98 14.92 -1.96
C LEU B 106 2.62 13.54 -1.97
N LEU B 107 1.97 12.59 -2.66
CA LEU B 107 2.47 11.22 -2.65
C LEU B 107 2.49 10.64 -4.08
N VAL B 108 3.67 10.54 -4.67
CA VAL B 108 3.79 10.12 -6.06
C VAL B 108 4.62 8.85 -6.24
N SER B 109 4.16 7.96 -7.12
CA SER B 109 4.90 6.75 -7.47
C SER B 109 4.95 6.57 -8.99
N GLN B 110 6.11 6.14 -9.48
CA GLN B 110 6.29 5.82 -10.89
C GLN B 110 6.47 4.33 -11.08
N GLN B 111 5.76 3.77 -12.04
CA GLN B 111 5.84 2.34 -12.32
C GLN B 111 6.09 2.06 -13.80
N SER B 112 6.75 0.95 -14.08
CA SER B 112 6.90 0.46 -15.45
C SER B 112 6.34 -0.96 -15.51
N PRO B 113 5.00 -1.07 -15.63
CA PRO B 113 4.30 -2.35 -15.54
C PRO B 113 4.55 -3.24 -16.76
N CYS B 114 4.99 -2.64 -17.85
CA CYS B 114 5.27 -3.39 -19.07
C CYS B 114 6.49 -2.81 -19.80
N GLY B 115 7.08 -3.61 -20.66
CA GLY B 115 8.21 -3.18 -21.45
C GLY B 115 7.84 -3.07 -22.92
N ARG B 116 8.58 -2.25 -23.66
CA ARG B 116 8.32 -2.03 -25.07
C ARG B 116 8.59 -3.29 -25.91
N ALA B 117 9.16 -4.30 -25.28
CA ALA B 117 9.48 -5.56 -25.97
C ALA B 117 8.73 -6.75 -25.39
N THR B 118 7.69 -6.47 -24.60
CA THR B 118 6.84 -7.53 -24.06
C THR B 118 5.95 -8.05 -25.18
N SER B 119 5.47 -9.29 -25.03
CA SER B 119 4.61 -9.90 -26.02
C SER B 119 3.37 -9.04 -26.27
N SER B 120 3.06 -8.80 -27.54
CA SER B 120 1.93 -7.95 -27.91
C SER B 120 0.59 -8.61 -27.58
N SER B 121 0.64 -9.88 -27.20
CA SER B 121 -0.57 -10.60 -26.79
C SER B 121 -0.66 -10.68 -25.27
N ARG B 122 0.42 -10.28 -24.60
CA ARG B 122 0.47 -10.32 -23.14
C ARG B 122 -0.54 -9.40 -22.48
N VAL B 123 -1.46 -9.99 -21.73
CA VAL B 123 -2.41 -9.23 -20.92
C VAL B 123 -1.83 -9.03 -19.52
N TRP B 124 -1.54 -7.78 -19.18
CA TRP B 124 -0.88 -7.49 -17.90
C TRP B 124 -1.75 -6.67 -16.95
N TRP B 125 -1.51 -6.88 -15.66
CA TRP B 125 -2.20 -6.17 -14.59
C TRP B 125 -1.21 -5.83 -13.48
N ASP B 126 -1.21 -4.57 -13.04
CA ASP B 126 -0.37 -4.16 -11.92
C ASP B 126 -1.09 -3.10 -11.10
N SER B 127 -1.03 -3.22 -9.78
CA SER B 127 -1.71 -2.28 -8.90
C SER B 127 -0.73 -1.27 -8.31
N SER B 128 -1.20 -0.05 -8.07
CA SER B 128 -0.39 0.99 -7.48
C SER B 128 -1.04 1.55 -6.24
N PHE B 129 -0.40 1.37 -5.08
CA PHE B 129 -0.93 1.89 -3.83
C PHE B 129 -0.05 3.01 -3.28
N LEU B 130 -0.72 4.04 -2.76
CA LEU B 130 -0.06 5.18 -2.15
C LEU B 130 -0.73 5.48 -0.82
N GLY B 131 0.06 5.65 0.22
CA GLY B 131 -0.47 6.00 1.52
C GLY B 131 0.51 6.88 2.27
N GLY B 132 0.00 7.86 3.00
CA GLY B 132 0.89 8.74 3.75
C GLY B 132 0.18 9.81 4.54
N VAL B 133 0.82 10.26 5.62
CA VAL B 133 0.28 11.31 6.46
C VAL B 133 0.69 12.67 5.94
N VAL B 134 -0.29 13.57 5.81
CA VAL B 134 -0.03 14.93 5.36
C VAL B 134 -0.89 15.90 6.17
N HIS B 135 -0.39 17.11 6.36
CA HIS B 135 -1.16 18.13 7.05
C HIS B 135 -2.05 18.88 6.07
N LEU B 136 -3.28 19.12 6.46
CA LEU B 136 -4.26 19.79 5.60
C LEU B 136 -5.06 20.82 6.37
N GLU B 137 -5.18 22.01 5.81
CA GLU B 137 -5.99 23.06 6.40
C GLU B 137 -7.42 22.98 5.88
N ALA B 138 -8.35 23.64 6.55
CA ALA B 138 -9.75 23.63 6.13
C ALA B 138 -9.94 24.30 4.78
N GLY B 139 -10.69 23.66 3.90
CA GLY B 139 -10.97 24.21 2.59
C GLY B 139 -10.03 23.70 1.51
N GLU B 140 -8.94 23.05 1.94
CA GLU B 140 -7.98 22.50 0.99
C GLU B 140 -8.48 21.21 0.35
N GLU B 141 -7.96 20.90 -0.84
CA GLU B 141 -8.41 19.75 -1.60
C GLU B 141 -7.30 18.74 -1.88
N VAL B 142 -7.69 17.48 -1.97
CA VAL B 142 -6.78 16.40 -2.34
C VAL B 142 -7.30 15.67 -3.56
N VAL B 143 -6.47 15.55 -4.58
CA VAL B 143 -6.87 14.88 -5.81
C VAL B 143 -5.94 13.72 -6.16
N VAL B 144 -6.47 12.77 -6.92
CA VAL B 144 -5.68 11.68 -7.47
C VAL B 144 -5.48 11.90 -8.96
N ARG B 145 -4.24 11.83 -9.42
CA ARG B 145 -3.94 11.99 -10.84
C ARG B 145 -3.05 10.85 -11.34
N VAL B 146 -3.38 10.34 -12.52
CA VAL B 146 -2.62 9.27 -13.14
C VAL B 146 -2.20 9.64 -14.56
N LEU B 147 -0.91 9.51 -14.86
CA LEU B 147 -0.43 9.68 -16.23
C LEU B 147 -0.90 8.50 -17.06
N ASP B 148 -1.54 8.81 -18.18
CA ASP B 148 -2.23 7.81 -18.99
C ASP B 148 -3.26 7.08 -18.15
N GLU B 149 -4.37 7.76 -17.87
CA GLU B 149 -5.48 7.18 -17.12
C GLU B 149 -6.22 6.15 -17.97
N ARG B 150 -5.87 6.09 -19.26
CA ARG B 150 -6.44 5.09 -20.15
C ARG B 150 -5.98 3.69 -19.75
N LEU B 151 -4.87 3.63 -19.00
CA LEU B 151 -4.34 2.36 -18.51
C LEU B 151 -4.91 2.01 -17.14
N VAL B 152 -5.77 2.88 -16.61
CA VAL B 152 -6.43 2.63 -15.34
C VAL B 152 -7.74 1.87 -15.56
N ARG B 153 -7.97 0.84 -14.74
CA ARG B 153 -9.18 0.03 -14.85
C ARG B 153 -10.17 0.35 -13.73
N LEU B 154 -11.13 1.22 -14.06
CA LEU B 154 -12.11 1.69 -13.08
C LEU B 154 -13.41 0.87 -13.15
N ARG B 155 -13.28 -0.38 -13.58
CA ARG B 155 -14.45 -1.25 -13.67
C ARG B 155 -14.97 -1.58 -12.28
N ASP B 156 -14.03 -1.77 -11.35
CA ASP B 156 -14.39 -2.05 -9.97
C ASP B 156 -13.99 -0.88 -9.07
N GLY B 157 -14.87 -0.53 -8.14
CA GLY B 157 -14.55 0.47 -7.13
C GLY B 157 -13.67 -0.16 -6.07
N THR B 158 -13.51 -1.47 -6.15
CA THR B 158 -12.68 -2.22 -5.22
C THR B 158 -11.25 -2.33 -5.74
N ARG B 159 -11.09 -2.08 -7.04
CA ARG B 159 -9.78 -2.14 -7.68
C ARG B 159 -9.10 -0.77 -7.66
N SER B 160 -9.90 0.27 -7.78
CA SER B 160 -9.37 1.64 -7.76
C SER B 160 -10.20 2.50 -6.83
N TYR B 161 -9.54 3.04 -5.81
CA TYR B 161 -10.22 3.85 -4.80
C TYR B 161 -9.33 4.96 -4.27
N PHE B 162 -9.92 5.83 -3.46
CA PHE B 162 -9.23 7.01 -2.94
C PHE B 162 -9.92 7.45 -1.66
N GLY B 163 -9.23 7.29 -0.53
CA GLY B 163 -9.81 7.63 0.75
C GLY B 163 -8.83 8.32 1.68
N ALA B 164 -9.31 8.69 2.87
CA ALA B 164 -8.47 9.38 3.85
C ALA B 164 -9.09 9.35 5.23
N PHE B 165 -8.28 9.57 6.26
CA PHE B 165 -8.81 9.74 7.62
C PHE B 165 -7.87 10.53 8.52
N MET B 166 -8.43 11.36 9.38
CA MET B 166 -7.62 12.14 10.31
C MET B 166 -6.95 11.24 11.34
N VAL B 167 -5.67 11.50 11.58
CA VAL B 167 -4.90 10.77 12.57
C VAL B 167 -4.92 11.51 13.90
N VAL C 19 -2.96 15.82 19.65
CA VAL C 19 -2.48 15.02 20.78
C VAL C 19 -1.65 13.83 20.30
N ASN C 20 -2.26 13.02 19.44
CA ASN C 20 -1.67 11.75 19.02
C ASN C 20 -0.35 11.88 18.27
N PRO C 21 0.66 11.09 18.68
CA PRO C 21 1.95 11.05 18.00
C PRO C 21 1.84 10.64 16.53
N ALA C 22 2.53 11.36 15.66
CA ALA C 22 2.53 11.07 14.22
C ALA C 22 3.76 11.66 13.55
N ALA C 23 4.14 11.11 12.40
CA ALA C 23 5.33 11.55 11.69
C ALA C 23 5.30 11.15 10.22
N HIS C 24 5.87 12.01 9.36
CA HIS C 24 6.04 11.66 7.95
C HIS C 24 7.37 12.21 7.46
N LEU C 25 8.27 11.31 7.09
CA LEU C 25 9.61 11.72 6.70
C LEU C 25 9.84 11.69 5.20
N THR C 26 10.08 12.87 4.65
CA THR C 26 10.36 13.06 3.22
C THR C 26 11.86 12.87 3.00
N GLY C 27 12.35 13.27 1.82
CA GLY C 27 13.76 13.20 1.52
C GLY C 27 14.37 11.82 1.56
N ALA C 28 15.66 11.74 1.26
CA ALA C 28 16.40 10.47 1.32
C ALA C 28 17.90 10.65 1.08
N ASN C 29 18.69 9.70 1.58
CA ASN C 29 20.13 9.66 1.33
C ASN C 29 20.65 8.22 1.44
N SER C 30 21.84 7.99 0.90
CA SER C 30 22.40 6.64 0.86
C SER C 30 23.50 6.40 1.90
N SER C 31 23.67 5.14 2.28
CA SER C 31 24.67 4.76 3.28
C SER C 31 25.06 3.29 3.13
N GLY C 37 23.75 0.68 6.20
CA GLY C 37 22.53 -0.10 6.03
C GLY C 37 21.29 0.76 5.88
N PRO C 38 20.75 1.25 7.01
CA PRO C 38 19.53 2.06 7.07
C PRO C 38 19.55 3.29 6.16
N LEU C 39 18.37 3.76 5.78
CA LEU C 39 18.24 4.93 4.92
C LEU C 39 17.97 6.17 5.76
N LEU C 40 18.53 7.30 5.35
CA LEU C 40 18.36 8.56 6.07
C LEU C 40 17.21 9.37 5.47
N TRP C 41 16.59 10.22 6.28
CA TRP C 41 15.38 10.92 5.87
C TRP C 41 15.36 12.41 6.26
N GLU C 42 14.54 13.18 5.55
CA GLU C 42 14.31 14.57 5.90
C GLU C 42 13.35 14.63 7.08
N THR C 43 13.41 15.71 7.86
CA THR C 43 12.64 15.79 9.10
C THR C 43 11.78 17.06 9.19
N GLN C 44 12.32 18.18 8.73
CA GLN C 44 11.63 19.46 8.86
C GLN C 44 11.21 20.03 7.51
N LEU C 45 12.09 19.92 6.52
CA LEU C 45 11.86 20.55 5.22
C LEU C 45 10.67 19.99 4.47
N GLY C 46 9.77 20.87 4.05
CA GLY C 46 8.61 20.49 3.26
C GLY C 46 7.59 19.69 4.03
N LEU C 47 7.09 18.63 3.40
CA LEU C 47 6.06 17.78 4.00
C LEU C 47 6.61 16.93 5.14
N ALA C 48 7.92 17.00 5.37
CA ALA C 48 8.54 16.26 6.46
C ALA C 48 8.15 16.86 7.80
N PHE C 49 7.63 16.03 8.70
CA PHE C 49 7.21 16.53 10.01
C PHE C 49 7.28 15.48 11.12
N LEU C 50 7.52 15.97 12.33
CA LEU C 50 7.54 15.15 13.54
C LEU C 50 6.59 15.74 14.59
N ARG C 51 5.58 14.96 14.95
CA ARG C 51 4.63 15.33 16.01
C ARG C 51 4.48 14.16 16.97
N GLY C 52 5.17 14.21 18.09
CA GLY C 52 5.11 13.14 19.08
C GLY C 52 6.10 12.02 18.78
N LEU C 53 6.79 12.14 17.66
CA LEU C 53 7.80 11.16 17.28
C LEU C 53 9.17 11.81 17.23
N SER C 54 10.21 11.00 17.36
CA SER C 54 11.58 11.48 17.31
C SER C 54 12.32 10.83 16.15
N TYR C 55 13.49 11.38 15.82
CA TYR C 55 14.30 10.83 14.73
C TYR C 55 15.78 10.92 15.05
N HIS C 56 16.53 9.89 14.68
CA HIS C 56 17.98 9.87 14.91
C HIS C 56 18.71 8.98 13.91
N ASP C 57 19.37 9.62 12.95
CA ASP C 57 20.27 8.95 12.01
C ASP C 57 19.66 7.73 11.32
N GLY C 58 18.62 7.97 10.53
CA GLY C 58 17.97 6.92 9.77
C GLY C 58 16.97 6.11 10.56
N ALA C 59 16.74 6.52 11.81
CA ALA C 59 15.86 5.76 12.70
C ALA C 59 14.77 6.61 13.34
N LEU C 60 13.55 6.06 13.35
CA LEU C 60 12.43 6.68 14.05
C LEU C 60 12.43 6.21 15.51
N VAL C 61 12.44 7.16 16.42
CA VAL C 61 12.46 6.87 17.85
C VAL C 61 11.11 7.19 18.48
N VAL C 62 10.60 6.27 19.29
CA VAL C 62 9.32 6.49 19.95
C VAL C 62 9.48 7.11 21.33
N THR C 63 8.58 8.03 21.67
CA THR C 63 8.56 8.65 22.98
C THR C 63 7.45 8.00 23.81
N LYS C 64 6.25 7.97 23.24
CA LYS C 64 5.11 7.32 23.87
C LYS C 64 5.00 5.86 23.42
N ALA C 65 4.74 4.97 24.37
CA ALA C 65 4.54 3.56 24.05
C ALA C 65 3.11 3.33 23.56
N GLY C 66 2.96 2.42 22.62
CA GLY C 66 1.64 2.10 22.08
C GLY C 66 1.71 1.44 20.72
N TYR C 67 0.55 1.23 20.11
CA TYR C 67 0.48 0.60 18.79
C TYR C 67 0.58 1.63 17.68
N TYR C 68 1.50 1.39 16.75
CA TYR C 68 1.75 2.32 15.66
C TYR C 68 1.55 1.68 14.30
N TYR C 69 0.76 2.34 13.45
CA TYR C 69 0.76 2.03 12.04
C TYR C 69 1.95 2.73 11.41
N ILE C 70 2.96 1.94 11.08
CA ILE C 70 4.15 2.45 10.43
C ILE C 70 4.06 2.14 8.95
N TYR C 71 4.63 3.02 8.13
CA TYR C 71 4.57 2.86 6.69
C TYR C 71 5.81 3.42 6.02
N SER C 72 6.09 2.91 4.82
CA SER C 72 7.21 3.40 4.02
C SER C 72 7.02 3.08 2.55
N LYS C 73 7.18 4.08 1.70
CA LYS C 73 7.17 3.85 0.27
C LYS C 73 8.53 4.16 -0.31
N VAL C 74 9.03 3.25 -1.14
CA VAL C 74 10.32 3.46 -1.79
C VAL C 74 10.17 3.46 -3.30
N GLN C 75 10.67 4.53 -3.92
CA GLN C 75 10.69 4.65 -5.37
C GLN C 75 11.97 4.04 -5.90
N LEU C 76 11.82 3.13 -6.85
CA LEU C 76 12.93 2.43 -7.45
C LEU C 76 12.99 2.75 -8.94
N GLY C 77 14.19 2.84 -9.48
CA GLY C 77 14.37 3.14 -10.89
C GLY C 77 15.76 2.73 -11.34
N GLY C 78 15.91 2.46 -12.63
CA GLY C 78 17.19 2.05 -13.14
C GLY C 78 17.25 2.00 -14.66
N VAL C 79 18.36 1.48 -15.16
CA VAL C 79 18.57 1.38 -16.60
C VAL C 79 19.23 0.04 -16.89
N GLY C 80 19.05 -0.90 -15.96
CA GLY C 80 19.70 -2.19 -16.07
C GLY C 80 18.74 -3.37 -16.11
N CYS C 81 18.90 -4.11 -15.08
CA CYS C 81 18.19 -5.33 -14.98
C CYS C 81 18.50 -6.38 -16.01
N PRO C 82 19.75 -6.81 -16.00
CA PRO C 82 20.19 -7.95 -16.82
C PRO C 82 19.51 -9.24 -16.40
N LEU C 83 19.36 -9.39 -15.08
CA LEU C 83 18.94 -10.65 -14.47
C LEU C 83 17.42 -10.80 -14.51
N GLY C 84 16.76 -9.88 -15.19
CA GLY C 84 15.31 -9.93 -15.36
C GLY C 84 14.55 -9.91 -14.05
N LEU C 85 13.48 -10.71 -13.99
CA LEU C 85 12.65 -10.81 -12.80
C LEU C 85 13.38 -11.52 -11.66
N ALA C 86 14.47 -12.19 -11.98
CA ALA C 86 15.28 -12.85 -10.97
C ALA C 86 16.02 -11.82 -10.13
N SER C 87 16.28 -10.65 -10.72
CA SER C 87 16.85 -9.54 -9.99
C SER C 87 15.78 -8.94 -9.09
N THR C 88 16.00 -9.00 -7.79
CA THR C 88 15.00 -8.56 -6.83
C THR C 88 15.39 -7.30 -6.06
N ILE C 89 14.42 -6.78 -5.33
CA ILE C 89 14.62 -5.65 -4.44
C ILE C 89 13.86 -5.92 -3.15
N THR C 90 14.60 -5.94 -2.04
CA THR C 90 13.99 -6.12 -0.74
C THR C 90 13.90 -4.77 -0.06
N HIS C 91 12.70 -4.42 0.38
CA HIS C 91 12.43 -3.16 1.04
C HIS C 91 11.67 -3.47 2.31
N GLY C 92 12.21 -3.04 3.45
CA GLY C 92 11.62 -3.42 4.72
C GLY C 92 11.79 -2.45 5.88
N LEU C 93 10.89 -2.60 6.85
CA LEU C 93 10.97 -1.85 8.11
C LEU C 93 11.54 -2.76 9.18
N TYR C 94 12.56 -2.29 9.87
CA TYR C 94 13.29 -3.10 10.84
C TYR C 94 13.29 -2.42 12.21
N LYS C 95 13.07 -3.21 13.25
CA LYS C 95 13.03 -2.67 14.59
C LYS C 95 14.29 -3.07 15.38
N ARG C 96 15.02 -2.07 15.86
CA ARG C 96 16.16 -2.32 16.74
C ARG C 96 15.76 -2.23 18.21
N THR C 97 16.06 -3.28 18.97
CA THR C 97 15.65 -3.38 20.37
C THR C 97 16.83 -3.75 21.27
N PRO C 98 16.80 -3.31 22.53
CA PRO C 98 17.82 -3.71 23.51
C PRO C 98 17.50 -5.04 24.19
N ARG C 99 16.24 -5.48 24.14
CA ARG C 99 15.85 -6.79 24.65
C ARG C 99 16.69 -7.87 23.98
N TYR C 100 17.03 -7.62 22.72
CA TYR C 100 18.06 -8.38 22.02
C TYR C 100 18.69 -7.42 21.02
N PRO C 101 19.97 -7.07 21.24
CA PRO C 101 20.66 -6.10 20.39
C PRO C 101 20.84 -6.65 18.98
N GLU C 102 19.75 -6.58 18.20
CA GLU C 102 19.71 -7.01 16.82
C GLU C 102 18.55 -6.26 16.21
N GLU C 103 18.37 -6.40 14.89
CA GLU C 103 17.16 -5.88 14.25
C GLU C 103 16.32 -7.02 13.70
N LEU C 104 15.04 -7.01 14.04
CA LEU C 104 14.09 -7.96 13.49
C LEU C 104 13.38 -7.26 12.34
N GLU C 105 13.22 -7.95 11.22
CA GLU C 105 12.47 -7.36 10.12
C GLU C 105 11.00 -7.57 10.39
N LEU C 106 10.25 -6.49 10.37
CA LEU C 106 8.83 -6.50 10.69
C LEU C 106 8.02 -6.67 9.42
N LEU C 107 7.94 -5.60 8.65
CA LEU C 107 7.24 -5.59 7.39
C LEU C 107 8.26 -5.66 6.27
N VAL C 108 8.15 -6.68 5.42
CA VAL C 108 9.11 -6.86 4.34
C VAL C 108 8.43 -7.10 3.00
N SER C 109 8.91 -6.40 1.98
CA SER C 109 8.45 -6.58 0.61
C SER C 109 9.61 -6.93 -0.31
N GLN C 110 9.52 -8.07 -0.98
CA GLN C 110 10.52 -8.42 -1.98
C GLN C 110 9.88 -8.45 -3.37
N GLN C 111 10.39 -7.62 -4.28
CA GLN C 111 9.77 -7.48 -5.59
C GLN C 111 10.74 -7.69 -6.75
N SER C 112 10.20 -8.08 -7.90
CA SER C 112 10.96 -8.08 -9.15
C SER C 112 10.59 -6.81 -9.91
N PRO C 113 11.43 -5.77 -9.78
CA PRO C 113 11.13 -4.42 -10.26
C PRO C 113 11.12 -4.32 -11.79
N CYS C 114 11.74 -5.27 -12.40
CA CYS C 114 11.79 -5.25 -13.86
C CYS C 114 12.18 -6.61 -14.42
N GLY C 115 12.21 -6.68 -15.80
CA GLY C 115 12.59 -7.89 -16.50
C GLY C 115 13.33 -7.56 -17.77
N ARG C 116 13.47 -8.55 -18.63
CA ARG C 116 14.19 -8.37 -19.89
C ARG C 116 13.35 -7.60 -20.91
N ALA C 117 12.12 -7.29 -20.53
CA ALA C 117 11.19 -6.56 -21.40
C ALA C 117 11.66 -5.12 -21.63
N THR C 118 12.51 -4.63 -20.73
CA THR C 118 13.07 -3.29 -20.86
C THR C 118 14.53 -3.37 -21.31
N SER C 119 14.83 -2.77 -22.46
CA SER C 119 16.17 -2.81 -23.03
C SER C 119 17.17 -2.00 -22.20
N SER C 120 18.45 -2.18 -22.50
CA SER C 120 19.49 -1.34 -21.93
C SER C 120 19.36 0.04 -22.54
N SER C 121 19.84 1.06 -21.84
CA SER C 121 19.65 2.46 -22.21
C SER C 121 18.16 2.83 -22.24
N ARG C 122 17.35 2.01 -21.57
CA ARG C 122 15.93 2.28 -21.40
C ARG C 122 15.55 2.25 -19.93
N VAL C 123 14.92 3.31 -19.47
CA VAL C 123 14.62 3.50 -18.06
C VAL C 123 13.43 2.65 -17.58
N TRP C 124 13.55 2.08 -16.39
CA TRP C 124 12.44 1.40 -15.74
C TRP C 124 12.19 2.00 -14.36
N TRP C 125 10.94 1.90 -13.90
CA TRP C 125 10.58 2.33 -12.56
C TRP C 125 9.74 1.28 -11.86
N ASP C 126 9.73 1.31 -10.53
CA ASP C 126 8.87 0.45 -9.73
C ASP C 126 8.70 1.13 -8.37
N SER C 127 7.72 0.71 -7.59
CA SER C 127 7.49 1.32 -6.29
C SER C 127 7.05 0.29 -5.27
N SER C 128 7.63 0.36 -4.07
CA SER C 128 7.27 -0.59 -3.02
C SER C 128 6.68 0.11 -1.81
N PHE C 129 5.42 -0.19 -1.50
CA PHE C 129 4.78 0.36 -0.32
C PHE C 129 4.62 -0.71 0.77
N LEU C 130 4.89 -0.31 2.01
CA LEU C 130 4.68 -1.15 3.16
C LEU C 130 3.91 -0.37 4.22
N GLY C 131 3.03 -1.06 4.93
CA GLY C 131 2.25 -0.44 5.98
C GLY C 131 1.68 -1.49 6.91
N GLY C 132 1.80 -1.27 8.21
CA GLY C 132 1.30 -2.23 9.17
C GLY C 132 1.37 -1.73 10.60
N VAL C 133 0.64 -2.39 11.49
CA VAL C 133 0.60 -1.97 12.88
C VAL C 133 1.47 -2.86 13.78
N VAL C 134 2.45 -2.24 14.42
CA VAL C 134 3.30 -2.95 15.37
C VAL C 134 3.27 -2.26 16.73
N HIS C 135 3.47 -3.02 17.81
CA HIS C 135 3.55 -2.41 19.13
C HIS C 135 4.95 -1.87 19.35
N LEU C 136 5.04 -0.63 19.81
CA LEU C 136 6.33 0.01 20.04
C LEU C 136 6.43 0.63 21.43
N GLU C 137 7.47 0.27 22.17
CA GLU C 137 7.72 0.83 23.48
C GLU C 137 8.52 2.12 23.36
N ALA C 138 8.64 2.85 24.47
CA ALA C 138 9.43 4.07 24.51
C ALA C 138 10.90 3.74 24.31
N GLY C 139 11.55 4.44 23.39
CA GLY C 139 12.98 4.28 23.18
C GLY C 139 13.36 3.33 22.07
N GLU C 140 12.37 2.61 21.54
CA GLU C 140 12.62 1.65 20.47
C GLU C 140 12.75 2.38 19.13
N GLU C 141 13.48 1.77 18.20
CA GLU C 141 13.79 2.44 16.94
C GLU C 141 13.39 1.63 15.71
N VAL C 142 12.90 2.34 14.69
CA VAL C 142 12.53 1.70 13.43
C VAL C 142 13.27 2.32 12.25
N VAL C 143 13.96 1.49 11.48
CA VAL C 143 14.68 1.95 10.31
C VAL C 143 14.09 1.37 9.03
N VAL C 144 14.36 2.03 7.90
CA VAL C 144 13.97 1.51 6.60
C VAL C 144 15.22 1.04 5.89
N ARG C 145 15.22 -0.22 5.46
CA ARG C 145 16.37 -0.75 4.74
C ARG C 145 15.97 -1.33 3.40
N VAL C 146 16.81 -1.13 2.39
CA VAL C 146 16.53 -1.62 1.05
C VAL C 146 17.74 -2.32 0.46
N LEU C 147 17.55 -3.54 -0.05
CA LEU C 147 18.62 -4.27 -0.71
C LEU C 147 18.97 -3.60 -2.03
N ASP C 148 20.26 -3.32 -2.21
CA ASP C 148 20.77 -2.56 -3.35
C ASP C 148 20.10 -1.20 -3.43
N GLU C 149 20.52 -0.30 -2.54
CA GLU C 149 20.00 1.07 -2.51
C GLU C 149 20.54 1.88 -3.67
N ARG C 150 21.42 1.26 -4.44
CA ARG C 150 21.96 1.85 -5.67
C ARG C 150 20.85 2.10 -6.69
N LEU C 151 19.75 1.36 -6.56
CA LEU C 151 18.60 1.53 -7.44
C LEU C 151 17.55 2.50 -6.90
N VAL C 152 17.56 2.70 -5.58
CA VAL C 152 16.60 3.60 -4.95
C VAL C 152 16.79 5.03 -5.41
N ARG C 153 15.68 5.70 -5.73
CA ARG C 153 15.73 7.07 -6.24
C ARG C 153 15.30 8.09 -5.19
N LEU C 154 16.30 8.75 -4.59
CA LEU C 154 16.10 9.68 -3.49
C LEU C 154 15.50 11.02 -3.96
N ARG C 155 15.96 11.47 -5.12
CA ARG C 155 15.76 12.82 -5.64
C ARG C 155 14.41 13.47 -5.32
N ASP C 156 13.34 12.68 -5.35
CA ASP C 156 12.03 13.17 -4.93
C ASP C 156 11.64 12.54 -3.61
N GLY C 157 11.28 13.38 -2.65
CA GLY C 157 10.87 12.92 -1.34
C GLY C 157 9.41 12.49 -1.32
N THR C 158 8.67 12.91 -2.35
CA THR C 158 7.29 12.48 -2.51
C THR C 158 7.29 11.06 -3.09
N ARG C 159 8.41 10.69 -3.68
CA ARG C 159 8.57 9.38 -4.30
C ARG C 159 9.07 8.35 -3.30
N SER C 160 9.86 8.81 -2.33
CA SER C 160 10.37 7.94 -1.28
C SER C 160 10.15 8.59 0.08
N TYR C 161 9.42 7.92 0.97
CA TYR C 161 9.13 8.47 2.28
C TYR C 161 8.92 7.38 3.34
N PHE C 162 8.97 7.79 4.60
CA PHE C 162 8.81 6.87 5.72
C PHE C 162 8.17 7.55 6.91
N GLY C 163 6.99 7.07 7.31
CA GLY C 163 6.27 7.68 8.41
C GLY C 163 5.62 6.69 9.35
N ALA C 164 4.85 7.20 10.30
CA ALA C 164 4.15 6.37 11.27
C ALA C 164 3.12 7.18 12.03
N PHE C 165 2.18 6.51 12.68
CA PHE C 165 1.25 7.17 13.59
C PHE C 165 0.56 6.19 14.54
N MET C 166 0.38 6.60 15.79
CA MET C 166 -0.17 5.73 16.81
C MET C 166 -1.66 5.46 16.61
N VAL C 167 -2.09 4.26 16.97
CA VAL C 167 -3.50 3.89 16.87
C VAL C 167 -4.24 4.25 18.17
P PO4 D . -16.31 5.35 14.35
O1 PO4 D . -15.44 6.39 13.71
O2 PO4 D . -16.31 5.56 15.85
O3 PO4 D . -15.81 3.98 14.02
O4 PO4 D . -17.73 5.51 13.83
C1 GOL E . 1.74 -3.07 -4.47
O1 GOL E . 0.65 -3.12 -3.57
C2 GOL E . 2.82 -2.16 -3.91
O2 GOL E . 4.08 -2.78 -4.05
C3 GOL E . 2.81 -0.84 -4.69
O3 GOL E . 3.03 -1.09 -6.06
C1 NAG F . -2.35 -24.89 8.18
C2 NAG F . -1.11 -25.61 8.72
C3 NAG F . -1.37 -27.10 8.76
C4 NAG F . -2.56 -27.35 9.67
C5 NAG F . -3.77 -26.52 9.24
C6 NAG F . -4.84 -26.60 10.31
C7 NAG F . 1.05 -24.55 8.39
C8 NAG F . 2.36 -24.59 7.65
N2 NAG F . 0.07 -25.31 7.93
O3 NAG F . -0.24 -27.78 9.25
O4 NAG F . -2.90 -28.73 9.67
O5 NAG F . -3.45 -25.17 9.02
O6 NAG F . -4.32 -26.03 11.51
O7 NAG F . 0.93 -23.82 9.38
#